data_6BN3
#
_entry.id   6BN3
#
_cell.length_a   95.790
_cell.length_b   41.810
_cell.length_c   56.450
_cell.angle_alpha   90.000
_cell.angle_beta   94.140
_cell.angle_gamma   90.000
#
_symmetry.space_group_name_H-M   'C 1 2 1'
#
loop_
_entity.id
_entity.type
_entity.pdbx_description
1 polymer Beta-lactamase
2 non-polymer '4-(2-HYDROXYETHYL)-1-PIPERAZINE ETHANESULFONIC ACID'
3 water water
#
_entity_poly.entity_id   1
_entity_poly.type   'polypeptide(L)'
_entity_poly.pdbx_seq_one_letter_code
;ANHIQHQMVQQLSALEKSANGRLGVAVIDTGSGAIAGWRMDEPFPMCSTSKVMAVAALLKQSEQTPELMSQPQPVASGDL
VNYNPITERFVGKSMTFDELSAATLQYSDNAAMNLILAKLGGPQKVTAFARSIGDDKFRLDRNEPSLNTAIPGDLRDTST
PRAMALSLQKLALGDALGQVQREKLSHWLRGNTTGAASIRAGLPSGWSVGDKTGSGDYGTTNDIAVVWPTGRPPLVIVTY
FTQPQQQAESQRPVLAKAAAIVASHYV
;
_entity_poly.pdbx_strand_id   A
#
# COMPACT_ATOMS: atom_id res chain seq x y z
N ALA A 1 -9.32 10.35 16.65
CA ALA A 1 -9.08 9.47 17.79
C ALA A 1 -7.67 8.87 17.72
N ASN A 2 -7.01 8.80 18.88
CA ASN A 2 -5.68 8.22 18.94
C ASN A 2 -5.48 7.46 20.26
N HIS A 3 -5.29 6.15 20.14
CA HIS A 3 -5.16 5.29 21.32
C HIS A 3 -3.70 5.01 21.66
N ILE A 4 -2.78 5.73 21.04
CA ILE A 4 -1.36 5.44 21.23
C ILE A 4 -0.94 5.73 22.67
N GLN A 5 -0.20 4.78 23.24
CA GLN A 5 0.25 4.91 24.61
C GLN A 5 1.56 5.68 24.66
N HIS A 6 1.79 6.26 25.81
CA HIS A 6 2.95 7.11 26.08
C HIS A 6 4.27 6.44 25.69
N GLN A 7 4.45 5.19 26.10
CA GLN A 7 5.68 4.47 25.81
C GLN A 7 5.88 4.28 24.31
N MET A 8 4.80 3.95 23.62
CA MET A 8 4.90 3.70 22.19
C MET A 8 5.29 4.98 21.44
N VAL A 9 4.73 6.11 21.88
CA VAL A 9 5.09 7.42 21.31
C VAL A 9 6.59 7.67 21.46
N GLN A 10 7.09 7.45 22.68
CA GLN A 10 8.51 7.61 22.95
C GLN A 10 9.36 6.75 22.02
N GLN A 11 8.95 5.50 21.81
CA GLN A 11 9.72 4.59 20.99
C GLN A 11 9.71 5.00 19.52
N LEU A 12 8.55 5.40 19.02
CA LEU A 12 8.44 5.76 17.61
C LEU A 12 9.16 7.09 17.37
N SER A 13 9.07 8.00 18.32
CA SER A 13 9.81 9.27 18.24
C SER A 13 11.31 9.03 18.19
N ALA A 14 11.79 8.16 19.07
CA ALA A 14 13.21 7.82 19.12
C ALA A 14 13.67 7.14 17.84
N LEU A 15 12.83 6.27 17.28
CA LEU A 15 13.15 5.58 16.04
C LEU A 15 13.30 6.58 14.91
N GLU A 16 12.33 7.48 14.81
CA GLU A 16 12.36 8.51 13.78
C GLU A 16 13.66 9.31 13.86
N LYS A 17 14.03 9.73 15.06
CA LYS A 17 15.26 10.50 15.23
C LYS A 17 16.52 9.72 14.87
N SER A 18 16.57 8.44 15.25
CA SER A 18 17.74 7.62 14.97
C SER A 18 17.92 7.45 13.46
N ALA A 19 16.81 7.47 12.74
CA ALA A 19 16.82 7.17 11.31
C ALA A 19 17.01 8.41 10.44
N ASN A 20 16.99 9.59 11.06
CA ASN A 20 17.06 10.86 10.35
C ASN A 20 16.02 10.97 9.23
N GLY A 21 14.76 10.92 9.61
CA GLY A 21 13.70 11.10 8.64
C GLY A 21 12.39 11.44 9.29
N ARG A 22 11.31 11.33 8.52
CA ARG A 22 9.97 11.60 8.99
C ARG A 22 9.19 10.30 8.88
N LEU A 23 8.71 9.81 10.01
CA LEU A 23 8.04 8.53 10.14
C LEU A 23 6.56 8.73 10.42
N GLY A 24 5.72 7.97 9.72
CA GLY A 24 4.28 8.00 9.97
C GLY A 24 3.78 6.58 10.19
N VAL A 25 3.12 6.35 11.31
CA VAL A 25 2.69 5.01 11.70
C VAL A 25 1.24 5.04 12.15
N ALA A 26 0.44 4.11 11.65
CA ALA A 26 -0.90 3.92 12.20
C ALA A 26 -1.14 2.44 12.39
N VAL A 27 -1.75 2.07 13.51
CA VAL A 27 -2.13 0.68 13.73
C VAL A 27 -3.58 0.61 14.20
N ILE A 28 -4.35 -0.25 13.55
CA ILE A 28 -5.73 -0.51 13.94
C ILE A 28 -5.82 -1.91 14.53
N ASP A 29 -6.34 -2.01 15.75
CA ASP A 29 -6.74 -3.29 16.32
C ASP A 29 -8.19 -3.53 15.93
N THR A 30 -8.44 -4.43 14.99
CA THR A 30 -9.80 -4.59 14.46
C THR A 30 -10.73 -5.28 15.46
N GLY A 31 -10.15 -5.84 16.52
CA GLY A 31 -10.94 -6.47 17.56
C GLY A 31 -11.66 -5.44 18.40
N SER A 32 -10.93 -4.39 18.79
CA SER A 32 -11.45 -3.34 19.64
C SER A 32 -11.87 -2.11 18.85
N GLY A 33 -11.32 -1.96 17.65
CA GLY A 33 -11.58 -0.79 16.83
C GLY A 33 -10.63 0.34 17.13
N ALA A 34 -9.72 0.11 18.07
CA ALA A 34 -8.76 1.14 18.50
C ALA A 34 -7.72 1.44 17.42
N ILE A 35 -7.46 2.73 17.20
CA ILE A 35 -6.40 3.14 16.30
C ILE A 35 -5.37 3.96 17.08
N ALA A 36 -4.09 3.72 16.78
CA ALA A 36 -3.00 4.39 17.47
C ALA A 36 -1.96 4.80 16.45
N GLY A 37 -1.31 5.94 16.67
CA GLY A 37 -0.34 6.37 15.69
C GLY A 37 0.65 7.45 16.06
N TRP A 38 1.57 7.67 15.14
CA TRP A 38 2.61 8.69 15.22
C TRP A 38 2.62 9.41 13.87
N ARG A 39 2.48 10.74 13.90
CA ARG A 39 2.29 11.55 12.70
C ARG A 39 1.23 10.96 11.78
N MET A 40 0.15 10.40 12.31
CA MET A 40 -0.70 9.61 11.43
C MET A 40 -1.68 10.49 10.64
N ASP A 41 -1.64 11.80 10.85
CA ASP A 41 -2.49 12.69 10.05
C ASP A 41 -1.70 13.62 9.14
N GLU A 42 -0.40 13.37 8.98
CA GLU A 42 0.41 14.15 8.04
C GLU A 42 0.39 13.48 6.69
N PRO A 43 0.41 14.27 5.60
CA PRO A 43 0.58 13.67 4.27
C PRO A 43 1.97 13.06 4.10
N PHE A 44 1.98 11.88 3.50
CA PHE A 44 3.20 11.21 3.07
C PHE A 44 3.03 10.79 1.60
N PRO A 45 4.12 10.80 0.83
CA PRO A 45 4.06 10.25 -0.54
C PRO A 45 3.76 8.76 -0.46
N MET A 46 2.73 8.30 -1.17
CA MET A 46 2.34 6.90 -1.12
C MET A 46 3.28 5.97 -1.88
N CYS A 47 3.83 6.48 -2.98
CA CYS A 47 4.60 5.67 -3.93
C CYS A 47 3.76 4.44 -4.26
N SER A 48 4.36 3.25 -4.36
CA SER A 48 3.60 2.08 -4.84
C SER A 48 2.54 1.55 -3.88
N THR A 49 2.43 2.10 -2.66
CA THR A 49 1.34 1.67 -1.82
C THR A 49 0.00 2.12 -2.42
N SER A 50 0.04 3.09 -3.33
CA SER A 50 -1.16 3.54 -4.04
C SER A 50 -1.74 2.48 -4.97
N LYS A 51 -0.93 1.46 -5.30
CA LYS A 51 -1.40 0.39 -6.20
C LYS A 51 -2.56 -0.41 -5.58
N VAL A 52 -2.62 -0.45 -4.26
CA VAL A 52 -3.71 -1.16 -3.59
C VAL A 52 -5.07 -0.49 -3.91
N MET A 53 -5.13 0.83 -3.79
CA MET A 53 -6.36 1.58 -4.06
C MET A 53 -6.77 1.42 -5.52
N ALA A 54 -5.78 1.38 -6.42
CA ALA A 54 -6.08 1.24 -7.84
C ALA A 54 -6.63 -0.15 -8.16
N VAL A 55 -5.99 -1.21 -7.66
CA VAL A 55 -6.50 -2.56 -7.87
C VAL A 55 -7.88 -2.72 -7.23
N ALA A 56 -8.07 -2.15 -6.03
CA ALA A 56 -9.38 -2.21 -5.39
C ALA A 56 -10.47 -1.53 -6.24
N ALA A 57 -10.14 -0.41 -6.87
CA ALA A 57 -11.11 0.32 -7.71
C ALA A 57 -11.52 -0.59 -8.86
N LEU A 58 -10.54 -1.28 -9.41
CA LEU A 58 -10.81 -2.19 -10.52
C LEU A 58 -11.65 -3.39 -10.07
N LEU A 59 -11.32 -3.94 -8.91
CA LEU A 59 -12.12 -5.03 -8.34
C LEU A 59 -13.58 -4.59 -8.09
N LYS A 60 -13.78 -3.37 -7.60
CA LYS A 60 -15.13 -2.86 -7.40
C LYS A 60 -15.89 -2.87 -8.73
N GLN A 61 -15.23 -2.43 -9.79
CA GLN A 61 -15.86 -2.45 -11.11
C GLN A 61 -16.24 -3.87 -11.55
N SER A 62 -15.41 -4.84 -11.17
CA SER A 62 -15.64 -6.23 -11.59
C SER A 62 -16.88 -6.83 -10.94
N GLU A 63 -17.35 -6.21 -9.86
CA GLU A 63 -18.53 -6.72 -9.16
C GLU A 63 -19.73 -6.76 -10.07
N GLN A 64 -19.81 -5.81 -11.00
CA GLN A 64 -20.95 -5.73 -11.90
C GLN A 64 -20.68 -6.36 -13.26
N THR A 65 -19.44 -6.81 -13.45
CA THR A 65 -18.98 -7.44 -14.68
C THR A 65 -17.86 -8.41 -14.37
N PRO A 66 -18.19 -9.58 -13.78
CA PRO A 66 -17.18 -10.54 -13.32
C PRO A 66 -16.15 -10.96 -14.38
N GLU A 67 -16.57 -11.09 -15.64
CA GLU A 67 -15.63 -11.44 -16.70
C GLU A 67 -14.61 -10.33 -17.00
N LEU A 68 -14.76 -9.17 -16.36
CA LEU A 68 -13.83 -8.06 -16.55
C LEU A 68 -12.39 -8.47 -16.26
N MET A 69 -12.22 -9.28 -15.23
CA MET A 69 -10.90 -9.61 -14.74
C MET A 69 -10.22 -10.70 -15.57
N SER A 70 -10.97 -11.34 -16.46
CA SER A 70 -10.39 -12.40 -17.27
C SER A 70 -10.22 -12.00 -18.74
N GLN A 71 -10.68 -10.82 -19.12
CA GLN A 71 -10.58 -10.35 -20.50
C GLN A 71 -9.13 -10.01 -20.87
N PRO A 72 -8.67 -10.49 -22.04
CA PRO A 72 -7.31 -10.16 -22.51
C PRO A 72 -7.08 -8.68 -22.69
N GLN A 73 -5.93 -8.21 -22.22
CA GLN A 73 -5.51 -6.83 -22.46
C GLN A 73 -4.17 -6.84 -23.18
N PRO A 74 -4.13 -6.32 -24.41
CA PRO A 74 -2.84 -6.30 -25.12
C PRO A 74 -1.80 -5.45 -24.37
N VAL A 75 -0.56 -5.90 -24.35
CA VAL A 75 0.51 -5.08 -23.80
C VAL A 75 1.54 -4.84 -24.91
N ALA A 76 1.99 -3.60 -25.01
CA ALA A 76 2.92 -3.21 -26.05
C ALA A 76 4.19 -2.65 -25.44
N SER A 77 5.26 -2.59 -26.22
CA SER A 77 6.49 -1.98 -25.75
C SER A 77 6.26 -0.56 -25.26
N GLY A 78 5.36 0.16 -25.93
CA GLY A 78 5.01 1.52 -25.56
C GLY A 78 4.37 1.64 -24.18
N ASP A 79 3.85 0.54 -23.65
CA ASP A 79 3.27 0.56 -22.31
C ASP A 79 4.34 0.48 -21.22
N LEU A 80 5.51 -0.01 -21.59
CA LEU A 80 6.58 -0.21 -20.61
C LEU A 80 7.12 1.12 -20.11
N VAL A 81 7.42 1.18 -18.82
CA VAL A 81 8.04 2.36 -18.23
C VAL A 81 9.35 1.95 -17.57
N ASN A 82 9.60 2.39 -16.35
CA ASN A 82 10.92 2.20 -15.75
C ASN A 82 11.15 0.84 -15.06
N TYR A 83 10.08 0.17 -14.69
CA TYR A 83 10.20 -1.12 -14.00
C TYR A 83 9.01 -2.00 -14.35
N ASN A 84 9.29 -3.04 -15.14
CA ASN A 84 8.25 -3.84 -15.75
C ASN A 84 8.57 -5.35 -15.65
N PRO A 85 8.79 -5.86 -14.43
CA PRO A 85 9.32 -7.21 -14.25
C PRO A 85 8.43 -8.31 -14.85
N ILE A 86 7.13 -8.12 -14.86
CA ILE A 86 6.22 -9.12 -15.40
C ILE A 86 5.77 -8.73 -16.80
N THR A 87 5.35 -7.47 -16.97
CA THR A 87 4.76 -7.04 -18.24
C THR A 87 5.74 -7.05 -19.40
N GLU A 88 7.03 -6.90 -19.13
CA GLU A 88 8.00 -6.91 -20.21
C GLU A 88 8.03 -8.28 -20.92
N ARG A 89 7.57 -9.32 -20.22
CA ARG A 89 7.50 -10.66 -20.78
C ARG A 89 6.32 -10.88 -21.73
N PHE A 90 5.39 -9.92 -21.75
CA PHE A 90 4.16 -10.10 -22.52
C PHE A 90 4.01 -9.10 -23.65
N VAL A 91 5.10 -8.43 -24.02
CA VAL A 91 5.05 -7.49 -25.13
C VAL A 91 4.62 -8.20 -26.41
N GLY A 92 3.62 -7.65 -27.09
CA GLY A 92 3.09 -8.25 -28.30
C GLY A 92 2.11 -9.36 -27.99
N LYS A 93 1.82 -9.53 -26.70
CA LYS A 93 0.87 -10.53 -26.23
C LYS A 93 -0.17 -9.83 -25.37
N SER A 94 -0.94 -10.62 -24.62
N SER A 94 -0.96 -10.61 -24.63
CA SER A 94 -1.95 -10.05 -23.74
CA SER A 94 -1.98 -10.05 -23.76
C SER A 94 -1.82 -10.57 -22.31
C SER A 94 -1.94 -10.61 -22.35
N MET A 95 -2.37 -9.81 -21.38
CA MET A 95 -2.50 -10.24 -20.00
C MET A 95 -3.92 -9.92 -19.55
N THR A 96 -4.48 -10.73 -18.67
CA THR A 96 -5.79 -10.41 -18.08
C THR A 96 -5.60 -9.36 -16.98
N PHE A 97 -6.69 -8.73 -16.56
CA PHE A 97 -6.59 -7.78 -15.44
C PHE A 97 -6.28 -8.50 -14.13
N ASP A 98 -6.65 -9.76 -14.01
CA ASP A 98 -6.17 -10.57 -12.88
C ASP A 98 -4.64 -10.65 -12.88
N GLU A 99 -4.05 -10.97 -14.03
CA GLU A 99 -2.59 -11.05 -14.14
C GLU A 99 -1.95 -9.70 -13.89
N LEU A 100 -2.55 -8.63 -14.41
CA LEU A 100 -2.00 -7.29 -14.23
C LEU A 100 -2.06 -6.87 -12.76
N SER A 101 -3.16 -7.23 -12.09
CA SER A 101 -3.32 -6.92 -10.67
C SER A 101 -2.30 -7.67 -9.81
N ALA A 102 -2.14 -8.97 -10.05
CA ALA A 102 -1.11 -9.76 -9.36
C ALA A 102 0.29 -9.18 -9.59
N ALA A 103 0.57 -8.82 -10.85
CA ALA A 103 1.89 -8.27 -11.18
C ALA A 103 2.13 -6.95 -10.47
N THR A 104 1.14 -6.07 -10.45
CA THR A 104 1.42 -4.76 -9.86
C THR A 104 1.46 -4.87 -8.34
N LEU A 105 0.64 -5.75 -7.75
CA LEU A 105 0.67 -5.86 -6.28
C LEU A 105 1.85 -6.68 -5.77
N GLN A 106 2.16 -7.79 -6.43
CA GLN A 106 3.13 -8.74 -5.87
C GLN A 106 4.56 -8.46 -6.31
N TYR A 107 4.73 -7.73 -7.42
CA TYR A 107 6.06 -7.42 -7.95
C TYR A 107 6.26 -5.91 -8.13
N SER A 108 5.21 -5.13 -7.87
CA SER A 108 5.22 -3.66 -8.04
C SER A 108 5.53 -3.27 -9.49
N ASP A 109 4.93 -4.01 -10.42
CA ASP A 109 5.10 -3.75 -11.85
C ASP A 109 4.45 -2.43 -12.24
N ASN A 110 5.24 -1.48 -12.74
CA ASN A 110 4.71 -0.14 -12.99
C ASN A 110 3.92 -0.02 -14.29
N ALA A 111 4.30 -0.79 -15.30
CA ALA A 111 3.51 -0.82 -16.53
C ALA A 111 2.12 -1.38 -16.26
N ALA A 112 2.06 -2.42 -15.42
CA ALA A 112 0.77 -3.00 -15.05
C ALA A 112 -0.12 -1.96 -14.34
N MET A 113 0.47 -1.19 -13.44
CA MET A 113 -0.27 -0.11 -12.80
C MET A 113 -0.86 0.87 -13.83
N ASN A 114 -0.05 1.28 -14.80
CA ASN A 114 -0.52 2.23 -15.78
C ASN A 114 -1.62 1.63 -16.65
N LEU A 115 -1.55 0.34 -16.94
CA LEU A 115 -2.62 -0.31 -17.71
C LEU A 115 -3.92 -0.34 -16.91
N ILE A 116 -3.82 -0.56 -15.60
CA ILE A 116 -4.99 -0.54 -14.74
C ILE A 116 -5.55 0.88 -14.64
N LEU A 117 -4.69 1.87 -14.47
CA LEU A 117 -5.13 3.24 -14.48
C LEU A 117 -5.87 3.62 -15.76
N ALA A 118 -5.38 3.15 -16.90
CA ALA A 118 -6.02 3.41 -18.18
C ALA A 118 -7.45 2.87 -18.20
N LYS A 119 -7.64 1.66 -17.70
CA LYS A 119 -8.95 1.02 -17.67
C LYS A 119 -9.93 1.80 -16.78
N LEU A 120 -9.42 2.32 -15.66
CA LEU A 120 -10.25 3.02 -14.68
C LEU A 120 -10.61 4.45 -15.07
N GLY A 121 -9.84 5.05 -15.97
CA GLY A 121 -10.03 6.45 -16.28
C GLY A 121 -9.03 7.37 -15.61
N GLY A 122 -7.93 6.81 -15.13
CA GLY A 122 -6.81 7.62 -14.64
C GLY A 122 -6.75 7.82 -13.14
N PRO A 123 -5.69 8.52 -12.68
CA PRO A 123 -5.48 8.79 -11.26
C PRO A 123 -6.69 9.44 -10.62
N GLN A 124 -7.35 10.34 -11.35
CA GLN A 124 -8.49 11.07 -10.80
C GLN A 124 -9.63 10.11 -10.47
N LYS A 125 -9.79 9.03 -11.24
CA LYS A 125 -10.83 8.07 -10.90
C LYS A 125 -10.45 7.13 -9.75
N VAL A 126 -9.16 6.87 -9.55
CA VAL A 126 -8.74 6.13 -8.36
C VAL A 126 -9.03 6.98 -7.12
N THR A 127 -8.78 8.28 -7.25
CA THR A 127 -9.11 9.22 -6.18
C THR A 127 -10.61 9.25 -5.89
N ALA A 128 -11.44 9.26 -6.93
CA ALA A 128 -12.88 9.24 -6.72
C ALA A 128 -13.31 7.93 -6.03
N PHE A 129 -12.66 6.81 -6.37
CA PHE A 129 -12.96 5.56 -5.67
C PHE A 129 -12.61 5.64 -4.18
N ALA A 130 -11.45 6.20 -3.86
CA ALA A 130 -11.07 6.41 -2.46
C ALA A 130 -12.15 7.20 -1.73
N ARG A 131 -12.62 8.31 -2.32
CA ARG A 131 -13.70 9.08 -1.70
C ARG A 131 -14.94 8.21 -1.48
N SER A 132 -15.22 7.31 -2.41
CA SER A 132 -16.40 6.47 -2.33
C SER A 132 -16.35 5.48 -1.16
N ILE A 133 -15.16 5.23 -0.62
CA ILE A 133 -15.05 4.37 0.56
C ILE A 133 -14.67 5.18 1.80
N GLY A 134 -14.91 6.48 1.73
CA GLY A 134 -14.77 7.30 2.92
C GLY A 134 -13.39 7.86 3.20
N ASP A 135 -12.51 7.76 2.21
CA ASP A 135 -11.14 8.24 2.35
C ASP A 135 -11.05 9.63 1.73
N ASP A 136 -10.90 10.66 2.56
CA ASP A 136 -10.84 12.02 2.05
C ASP A 136 -9.42 12.58 1.95
N LYS A 137 -8.42 11.78 2.33
CA LYS A 137 -7.03 12.21 2.28
C LYS A 137 -6.30 11.70 1.04
N PHE A 138 -6.61 10.47 0.63
CA PHE A 138 -5.98 9.89 -0.55
C PHE A 138 -6.09 10.82 -1.76
N ARG A 139 -4.98 11.08 -2.43
CA ARG A 139 -5.06 11.71 -3.75
C ARG A 139 -3.99 11.12 -4.65
N LEU A 140 -4.42 10.59 -5.78
CA LEU A 140 -3.52 10.14 -6.82
C LEU A 140 -3.62 11.15 -7.96
N ASP A 141 -2.49 11.78 -8.24
CA ASP A 141 -2.43 12.86 -9.21
C ASP A 141 -1.78 12.45 -10.51
N ARG A 142 -0.79 11.56 -10.40
CA ARG A 142 0.03 11.17 -11.54
C ARG A 142 0.05 9.66 -11.75
N ASN A 143 0.53 9.24 -12.90
CA ASN A 143 0.74 7.81 -13.10
C ASN A 143 2.21 7.43 -12.86
N GLU A 144 2.59 6.22 -13.23
CA GLU A 144 3.99 5.79 -13.08
C GLU A 144 4.85 6.27 -14.23
N PRO A 145 6.09 6.69 -13.93
CA PRO A 145 6.74 6.63 -12.61
C PRO A 145 6.77 7.97 -11.88
N SER A 146 6.17 9.02 -12.45
CA SER A 146 6.33 10.36 -11.85
C SER A 146 5.63 10.52 -10.51
N LEU A 147 4.74 9.60 -10.15
CA LEU A 147 4.05 9.71 -8.86
C LEU A 147 4.99 9.49 -7.68
N ASN A 148 6.24 9.11 -7.98
CA ASN A 148 7.21 8.80 -6.93
C ASN A 148 8.20 9.91 -6.58
N THR A 149 7.97 11.13 -7.07
CA THR A 149 8.95 12.20 -6.85
C THR A 149 9.07 12.55 -5.36
N ALA A 150 7.99 12.40 -4.60
CA ALA A 150 8.03 12.41 -3.14
C ALA A 150 8.69 13.65 -2.52
N ILE A 151 8.41 14.82 -3.09
CA ILE A 151 9.05 16.06 -2.66
C ILE A 151 8.42 16.57 -1.37
N PRO A 152 9.23 16.94 -0.37
CA PRO A 152 8.67 17.51 0.86
C PRO A 152 7.80 18.74 0.59
N GLY A 153 6.58 18.75 1.11
CA GLY A 153 5.68 19.89 0.96
C GLY A 153 4.74 19.73 -0.22
N ASP A 154 5.05 18.79 -1.10
CA ASP A 154 4.21 18.50 -2.27
C ASP A 154 3.06 17.59 -1.87
N LEU A 155 1.84 18.01 -2.17
CA LEU A 155 0.66 17.24 -1.78
C LEU A 155 0.28 16.18 -2.80
N ARG A 156 0.90 16.21 -3.97
CA ARG A 156 0.55 15.21 -4.98
C ARG A 156 0.87 13.79 -4.55
N ASP A 157 -0.05 12.88 -4.87
CA ASP A 157 0.20 11.44 -4.69
C ASP A 157 0.52 11.11 -3.24
N THR A 158 -0.24 11.73 -2.33
CA THR A 158 -0.10 11.50 -0.90
C THR A 158 -1.35 10.91 -0.27
N SER A 159 -1.15 10.32 0.89
CA SER A 159 -2.22 10.06 1.84
C SER A 159 -1.63 10.17 3.25
N THR A 160 -2.46 9.91 4.26
CA THR A 160 -1.99 9.89 5.64
C THR A 160 -1.98 8.46 6.15
N PRO A 161 -1.17 8.18 7.17
CA PRO A 161 -1.17 6.81 7.71
C PRO A 161 -2.55 6.42 8.24
N ARG A 162 -3.25 7.34 8.88
CA ARG A 162 -4.58 7.04 9.40
C ARG A 162 -5.54 6.69 8.26
N ALA A 163 -5.61 7.53 7.24
CA ALA A 163 -6.54 7.31 6.14
C ALA A 163 -6.22 6.02 5.39
N MET A 164 -4.95 5.73 5.16
CA MET A 164 -4.60 4.51 4.44
C MET A 164 -4.89 3.25 5.28
N ALA A 165 -4.67 3.33 6.58
CA ALA A 165 -5.00 2.21 7.45
C ALA A 165 -6.50 1.93 7.43
N LEU A 166 -7.31 2.98 7.56
CA LEU A 166 -8.76 2.82 7.56
C LEU A 166 -9.23 2.27 6.22
N SER A 167 -8.64 2.76 5.13
CA SER A 167 -9.03 2.26 3.81
C SER A 167 -8.63 0.79 3.62
N LEU A 168 -7.41 0.44 4.02
CA LEU A 168 -6.96 -0.95 3.87
C LEU A 168 -7.85 -1.89 4.68
N GLN A 169 -8.28 -1.43 5.86
CA GLN A 169 -9.21 -2.22 6.65
C GLN A 169 -10.51 -2.46 5.89
N LYS A 170 -11.08 -1.39 5.35
CA LYS A 170 -12.35 -1.50 4.67
C LYS A 170 -12.27 -2.42 3.45
N LEU A 171 -11.15 -2.33 2.74
CA LEU A 171 -10.96 -3.09 1.50
C LEU A 171 -10.64 -4.56 1.71
N ALA A 172 -9.68 -4.84 2.60
CA ALA A 172 -9.20 -6.21 2.78
C ALA A 172 -9.96 -7.00 3.84
N LEU A 173 -10.58 -6.31 4.79
CA LEU A 173 -11.27 -6.99 5.89
C LEU A 173 -12.76 -6.66 5.95
N GLY A 174 -13.10 -5.42 5.60
CA GLY A 174 -14.45 -4.92 5.72
C GLY A 174 -15.30 -5.19 4.51
N ASP A 175 -16.29 -4.33 4.29
CA ASP A 175 -17.27 -4.62 3.24
C ASP A 175 -17.29 -3.60 2.11
N ALA A 176 -16.17 -2.93 1.89
CA ALA A 176 -16.07 -1.97 0.78
C ALA A 176 -16.14 -2.69 -0.56
N LEU A 177 -15.65 -3.93 -0.58
CA LEU A 177 -15.71 -4.77 -1.78
C LEU A 177 -16.61 -5.97 -1.54
N GLY A 178 -17.07 -6.60 -2.62
CA GLY A 178 -17.78 -7.85 -2.51
C GLY A 178 -16.86 -8.95 -2.01
N GLN A 179 -17.45 -10.04 -1.48
CA GLN A 179 -16.69 -11.14 -0.90
C GLN A 179 -15.60 -11.70 -1.81
N VAL A 180 -15.96 -12.03 -3.05
CA VAL A 180 -15.00 -12.60 -3.99
C VAL A 180 -13.84 -11.63 -4.20
N GLN A 181 -14.17 -10.36 -4.31
CA GLN A 181 -13.19 -9.32 -4.58
C GLN A 181 -12.26 -9.08 -3.39
N ARG A 182 -12.84 -9.03 -2.20
CA ARG A 182 -12.04 -8.88 -0.97
C ARG A 182 -11.05 -10.01 -0.79
N GLU A 183 -11.50 -11.24 -1.04
CA GLU A 183 -10.64 -12.40 -0.89
C GLU A 183 -9.53 -12.41 -1.93
N LYS A 184 -9.84 -11.98 -3.16
CA LYS A 184 -8.83 -11.80 -4.20
C LYS A 184 -7.74 -10.85 -3.71
N LEU A 185 -8.17 -9.67 -3.27
CA LEU A 185 -7.23 -8.65 -2.84
C LEU A 185 -6.36 -9.13 -1.68
N SER A 186 -7.00 -9.75 -0.70
CA SER A 186 -6.31 -10.27 0.47
CA SER A 186 -6.28 -10.23 0.47
C SER A 186 -5.25 -11.30 0.09
N HIS A 187 -5.61 -12.21 -0.82
CA HIS A 187 -4.65 -13.22 -1.23
CA HIS A 187 -4.70 -13.24 -1.31
C HIS A 187 -3.51 -12.62 -2.05
N TRP A 188 -3.78 -11.60 -2.86
CA TRP A 188 -2.71 -10.96 -3.61
C TRP A 188 -1.73 -10.30 -2.63
N LEU A 189 -2.27 -9.62 -1.62
CA LEU A 189 -1.43 -8.99 -0.62
C LEU A 189 -0.58 -10.03 0.14
N ARG A 190 -1.18 -11.15 0.50
CA ARG A 190 -0.46 -12.21 1.20
C ARG A 190 0.66 -12.79 0.34
N GLY A 191 0.52 -12.73 -0.98
CA GLY A 191 1.53 -13.24 -1.89
C GLY A 191 2.57 -12.21 -2.33
N ASN A 192 2.59 -11.05 -1.69
CA ASN A 192 3.58 -10.04 -2.04
C ASN A 192 4.99 -10.61 -1.96
N THR A 193 5.85 -10.28 -2.91
CA THR A 193 7.22 -10.79 -2.93
C THR A 193 8.26 -9.75 -2.52
N THR A 194 7.84 -8.50 -2.31
CA THR A 194 8.79 -7.41 -2.06
C THR A 194 8.87 -6.94 -0.60
N GLY A 195 8.18 -7.65 0.29
CA GLY A 195 8.03 -7.16 1.64
C GLY A 195 8.82 -7.82 2.76
N ALA A 196 9.75 -8.71 2.43
CA ALA A 196 10.41 -9.52 3.47
C ALA A 196 11.21 -8.69 4.47
N ALA A 197 11.75 -7.56 4.03
CA ALA A 197 12.59 -6.74 4.90
C ALA A 197 11.83 -5.61 5.60
N SER A 198 10.53 -5.49 5.34
CA SER A 198 9.77 -4.35 5.84
C SER A 198 8.92 -4.78 7.02
N ILE A 199 7.61 -4.48 7.01
CA ILE A 199 6.76 -4.83 8.16
C ILE A 199 6.89 -6.31 8.58
N ARG A 200 6.89 -7.22 7.60
CA ARG A 200 7.01 -8.65 7.89
C ARG A 200 8.21 -9.00 8.78
N ALA A 201 9.33 -8.31 8.58
CA ALA A 201 10.54 -8.62 9.31
C ALA A 201 10.42 -8.28 10.79
N GLY A 202 9.47 -7.42 11.15
CA GLY A 202 9.30 -7.04 12.54
C GLY A 202 8.21 -7.80 13.31
N LEU A 203 7.50 -8.68 12.60
CA LEU A 203 6.39 -9.44 13.21
C LEU A 203 6.76 -10.88 13.50
N PRO A 204 6.04 -11.52 14.44
CA PRO A 204 6.25 -12.96 14.67
C PRO A 204 6.12 -13.75 13.37
N SER A 205 7.07 -14.64 13.13
CA SER A 205 7.16 -15.35 11.86
C SER A 205 5.98 -16.29 11.58
N GLY A 206 5.24 -16.65 12.63
CA GLY A 206 4.10 -17.54 12.47
C GLY A 206 2.84 -16.85 11.96
N TRP A 207 2.82 -15.52 12.04
CA TRP A 207 1.65 -14.75 11.65
C TRP A 207 1.48 -14.67 10.12
N SER A 208 0.23 -14.77 9.68
CA SER A 208 -0.10 -14.53 8.28
C SER A 208 -0.13 -13.01 8.02
N VAL A 209 0.54 -12.57 6.96
CA VAL A 209 0.63 -11.15 6.64
C VAL A 209 0.40 -10.91 5.16
N GLY A 210 -0.38 -9.89 4.84
CA GLY A 210 -0.45 -9.37 3.48
C GLY A 210 0.05 -7.93 3.50
N ASP A 211 0.82 -7.52 2.49
CA ASP A 211 1.34 -6.17 2.48
C ASP A 211 1.59 -5.66 1.07
N LYS A 212 1.71 -4.35 0.96
CA LYS A 212 2.24 -3.71 -0.24
C LYS A 212 3.24 -2.66 0.14
N THR A 213 4.43 -2.77 -0.41
CA THR A 213 5.53 -1.85 -0.16
C THR A 213 5.47 -0.66 -1.11
N GLY A 214 6.21 0.40 -0.77
CA GLY A 214 6.39 1.51 -1.66
C GLY A 214 7.79 2.04 -1.48
N SER A 215 8.31 2.63 -2.54
CA SER A 215 9.65 3.17 -2.57
C SER A 215 9.72 4.33 -3.55
N GLY A 216 10.40 5.41 -3.18
CA GLY A 216 10.47 6.54 -4.08
C GLY A 216 11.63 7.44 -3.76
N ASP A 217 11.65 8.61 -4.39
CA ASP A 217 12.68 9.58 -4.14
C ASP A 217 12.60 10.07 -2.69
N TYR A 218 13.56 10.89 -2.28
CA TYR A 218 13.70 11.29 -0.88
C TYR A 218 13.75 10.06 0.05
N GLY A 219 14.34 8.98 -0.45
CA GLY A 219 14.51 7.76 0.32
C GLY A 219 13.20 7.27 0.90
N THR A 220 12.12 7.49 0.18
CA THR A 220 10.80 7.15 0.71
C THR A 220 10.68 5.64 0.74
N THR A 221 10.28 5.11 1.90
CA THR A 221 10.27 3.69 2.20
C THR A 221 8.97 3.41 2.94
N ASN A 222 8.05 2.71 2.29
CA ASN A 222 6.69 2.56 2.78
C ASN A 222 6.26 1.10 2.83
N ASP A 223 5.26 0.82 3.66
CA ASP A 223 4.64 -0.51 3.68
C ASP A 223 3.28 -0.38 4.34
N ILE A 224 2.30 -1.09 3.81
CA ILE A 224 0.98 -1.11 4.42
C ILE A 224 0.60 -2.58 4.50
N ALA A 225 0.05 -3.00 5.63
CA ALA A 225 -0.13 -4.43 5.85
C ALA A 225 -1.40 -4.76 6.60
N VAL A 226 -1.95 -5.92 6.26
CA VAL A 226 -2.98 -6.57 7.07
C VAL A 226 -2.32 -7.77 7.72
N VAL A 227 -2.55 -7.92 9.02
CA VAL A 227 -1.86 -8.90 9.82
C VAL A 227 -2.85 -9.78 10.55
N TRP A 228 -2.68 -11.09 10.45
CA TRP A 228 -3.54 -12.03 11.16
C TRP A 228 -2.76 -12.71 12.28
N PRO A 229 -2.76 -12.11 13.48
CA PRO A 229 -2.02 -12.72 14.59
C PRO A 229 -2.65 -14.03 15.01
N THR A 230 -1.85 -14.92 15.57
CA THR A 230 -2.31 -16.23 16.00
C THR A 230 -3.40 -16.12 17.06
N GLY A 231 -4.59 -16.64 16.75
CA GLY A 231 -5.70 -16.65 17.68
C GLY A 231 -6.19 -15.28 18.14
N ARG A 232 -5.94 -14.26 17.32
CA ARG A 232 -6.30 -12.89 17.67
C ARG A 232 -6.91 -12.20 16.44
N PRO A 233 -7.84 -11.25 16.65
CA PRO A 233 -8.39 -10.45 15.55
C PRO A 233 -7.30 -9.73 14.77
N PRO A 234 -7.51 -9.53 13.45
CA PRO A 234 -6.44 -8.93 12.65
C PRO A 234 -6.06 -7.51 13.05
N LEU A 235 -4.84 -7.14 12.65
CA LEU A 235 -4.35 -5.78 12.76
C LEU A 235 -4.17 -5.20 11.38
N VAL A 236 -4.28 -3.88 11.29
CA VAL A 236 -3.86 -3.18 10.10
C VAL A 236 -2.73 -2.24 10.50
N ILE A 237 -1.62 -2.31 9.78
CA ILE A 237 -0.45 -1.50 10.10
C ILE A 237 0.05 -0.73 8.89
N VAL A 238 0.22 0.57 9.05
CA VAL A 238 0.80 1.41 8.01
C VAL A 238 2.08 2.03 8.55
N THR A 239 3.16 1.89 7.80
CA THR A 239 4.44 2.50 8.13
C THR A 239 4.96 3.26 6.92
N TYR A 240 4.98 4.57 7.03
CA TYR A 240 5.45 5.46 5.98
C TYR A 240 6.74 6.14 6.48
N PHE A 241 7.74 6.26 5.61
CA PHE A 241 8.99 6.90 6.03
C PHE A 241 9.58 7.67 4.86
N THR A 242 10.02 8.89 5.10
CA THR A 242 10.62 9.66 4.03
C THR A 242 11.74 10.50 4.64
N GLN A 243 12.70 10.89 3.82
CA GLN A 243 13.97 11.41 4.33
C GLN A 243 14.29 12.79 3.76
N PRO A 244 15.26 13.48 4.36
CA PRO A 244 15.40 14.90 3.98
C PRO A 244 15.98 15.18 2.58
N GLN A 245 16.76 14.26 2.02
CA GLN A 245 17.42 14.53 0.73
C GLN A 245 16.90 13.66 -0.39
N GLN A 246 16.80 14.24 -1.57
CA GLN A 246 16.22 13.53 -2.72
CA GLN A 246 16.23 13.55 -2.73
C GLN A 246 16.87 12.20 -3.01
N GLN A 247 18.20 12.14 -2.89
CA GLN A 247 18.95 10.94 -3.23
C GLN A 247 19.14 9.95 -2.08
N ALA A 248 18.45 10.17 -0.97
CA ALA A 248 18.58 9.27 0.18
C ALA A 248 18.30 7.81 -0.17
N GLU A 249 19.05 6.90 0.44
CA GLU A 249 18.81 5.47 0.26
C GLU A 249 17.64 4.99 1.08
N SER A 250 16.96 3.96 0.59
CA SER A 250 15.86 3.32 1.32
C SER A 250 16.29 2.84 2.70
N GLN A 251 15.34 2.82 3.63
CA GLN A 251 15.59 2.30 4.98
C GLN A 251 14.50 1.34 5.41
N ARG A 252 14.42 0.20 4.73
CA ARG A 252 13.42 -0.81 5.09
C ARG A 252 13.50 -1.26 6.57
N PRO A 253 14.72 -1.38 7.16
CA PRO A 253 14.74 -1.76 8.57
C PRO A 253 13.98 -0.81 9.51
N VAL A 254 13.78 0.44 9.11
CA VAL A 254 13.02 1.37 9.94
C VAL A 254 11.57 0.87 10.03
N LEU A 255 11.05 0.37 8.93
CA LEU A 255 9.68 -0.14 8.91
C LEU A 255 9.54 -1.42 9.73
N ALA A 256 10.55 -2.29 9.64
CA ALA A 256 10.57 -3.51 10.44
C ALA A 256 10.56 -3.15 11.92
N LYS A 257 11.38 -2.18 12.29
CA LYS A 257 11.46 -1.77 13.68
C LYS A 257 10.15 -1.13 14.14
N ALA A 258 9.55 -0.29 13.31
CA ALA A 258 8.27 0.31 13.66
C ALA A 258 7.21 -0.79 13.85
N ALA A 259 7.22 -1.79 12.97
CA ALA A 259 6.29 -2.90 13.11
C ALA A 259 6.49 -3.67 14.42
N ALA A 260 7.75 -3.88 14.77
CA ALA A 260 8.10 -4.60 16.00
C ALA A 260 7.62 -3.82 17.21
N ILE A 261 7.79 -2.51 17.17
CA ILE A 261 7.33 -1.64 18.25
C ILE A 261 5.82 -1.78 18.39
N VAL A 262 5.11 -1.66 17.27
CA VAL A 262 3.68 -1.83 17.25
C VAL A 262 3.26 -3.23 17.73
N ALA A 263 3.85 -4.26 17.13
CA ALA A 263 3.52 -5.64 17.47
C ALA A 263 3.65 -5.95 18.96
N SER A 264 4.68 -5.38 19.60
CA SER A 264 4.94 -5.66 21.00
C SER A 264 3.85 -5.11 21.90
N HIS A 265 3.26 -4.00 21.49
CA HIS A 265 2.22 -3.33 22.28
C HIS A 265 0.83 -3.94 22.05
N TYR A 266 0.73 -4.96 21.20
CA TYR A 266 -0.58 -5.55 20.90
C TYR A 266 -0.66 -7.07 21.05
N VAL A 267 0.48 -7.76 20.95
CA VAL A 267 0.49 -9.19 21.22
C VAL A 267 0.66 -9.47 22.70
#